data_2Z7H
#
_entry.id   2Z7H
#
_cell.length_a   47.411
_cell.length_b   116.147
_cell.length_c   128.135
_cell.angle_alpha   90.00
_cell.angle_beta   90.00
_cell.angle_gamma   90.00
#
_symmetry.space_group_name_H-M   'P 21 21 21'
#
loop_
_entity.id
_entity.type
_entity.pdbx_description
1 polymer 'Geranylgeranyl pyrophosphate synthetase'
2 non-polymer 'MAGNESIUM ION'
3 non-polymer '{1-HYDROXY-3-[METHYL(4-PHENYLBUTYL)AMINO]PROPANE-1,1-DIYL}BIS(PHOSPHONIC ACID)'
4 water water
#
_entity_poly.entity_id   1
_entity_poly.type   'polypeptide(L)'
_entity_poly.pdbx_seq_one_letter_code
;MTKNKMEAKIDELINNDPVWSSQNESLISKPYNHILLKPGKNFRLNLIVQINRVMNLPKDQLAIVSQIVELLHNSSLLID
DIEDNAPLRRGQTTSHLIFGVPSTINTANYMYFRAMQLVSQLTTKEPLYHNLITIFNEELINLHRGQGLDIYWRDFLPEI
IPTQEMYLNMVMNKTGGLFRLTLRLMEALSPSSHHGHSLVPFINLLGIIYQIRDDYLNLKDFQMSSEKGFAEDITEGKLS
FPIVHALNFTKTKGQTEQHNEILRILLLRTSDKDIKLKLIQILEFDTNSLAYTKNFINQLVNMIKNDNENKYLPDLASHS
DTATNLHDELLYIIDHLSEL
;
_entity_poly.pdbx_strand_id   A,B
#
loop_
_chem_comp.id
_chem_comp.type
_chem_comp.name
_chem_comp.formula
GG3 non-polymer '{1-HYDROXY-3-[METHYL(4-PHENYLBUTYL)AMINO]PROPANE-1,1-DIYL}BIS(PHOSPHONIC ACID)' 'C14 H25 N O7 P2'
MG non-polymer 'MAGNESIUM ION' 'Mg 2'
#
# COMPACT_ATOMS: atom_id res chain seq x y z
N ASN A 4 -6.07 38.16 -13.86
CA ASN A 4 -4.97 38.81 -13.10
C ASN A 4 -5.10 38.47 -11.61
N LYS A 5 -6.32 38.54 -11.07
CA LYS A 5 -6.55 38.18 -9.67
C LYS A 5 -6.29 36.67 -9.60
N MET A 6 -6.55 36.00 -10.70
CA MET A 6 -6.37 34.57 -10.83
C MET A 6 -4.87 34.24 -10.78
N GLU A 7 -4.06 34.95 -11.57
CA GLU A 7 -2.61 34.72 -11.61
C GLU A 7 -2.03 34.89 -10.21
N ALA A 8 -2.57 35.87 -9.50
CA ALA A 8 -2.13 36.18 -8.16
C ALA A 8 -2.42 35.03 -7.22
N LYS A 9 -3.64 34.53 -7.31
CA LYS A 9 -4.05 33.44 -6.45
C LYS A 9 -3.26 32.20 -6.80
N ILE A 10 -2.98 32.03 -8.09
CA ILE A 10 -2.20 30.89 -8.57
C ILE A 10 -0.78 31.03 -8.04
N ASP A 11 -0.25 32.25 -8.08
CA ASP A 11 1.10 32.50 -7.57
C ASP A 11 1.17 32.20 -6.07
N GLU A 12 0.17 32.61 -5.32
CA GLU A 12 0.17 32.34 -3.88
C GLU A 12 0.18 30.80 -3.66
N LEU A 13 -0.60 30.11 -4.47
CA LEU A 13 -0.72 28.66 -4.36
C LEU A 13 0.61 27.91 -4.57
N ILE A 14 1.23 28.10 -5.73
CA ILE A 14 2.47 27.41 -6.09
C ILE A 14 3.73 27.84 -5.33
N ASN A 15 3.64 28.90 -4.54
CA ASN A 15 4.81 29.34 -3.81
C ASN A 15 4.63 28.96 -2.38
N ASN A 16 3.67 28.09 -2.13
CA ASN A 16 3.42 27.62 -0.78
C ASN A 16 3.26 26.09 -0.68
N ASP A 17 3.47 25.58 0.51
CA ASP A 17 3.29 24.16 0.73
C ASP A 17 1.83 23.83 0.45
N PRO A 18 1.54 22.56 0.20
CA PRO A 18 0.16 22.18 -0.07
C PRO A 18 -0.67 22.45 1.18
N VAL A 19 -1.89 22.94 0.99
CA VAL A 19 -2.81 23.23 2.09
C VAL A 19 -3.47 21.90 2.55
N TRP A 20 -3.44 21.64 3.84
CA TRP A 20 -4.03 20.42 4.38
C TRP A 20 -4.59 20.76 5.74
N SER A 21 -5.87 20.50 5.96
CA SER A 21 -6.48 20.83 7.23
C SER A 21 -6.68 19.62 8.13
N SER A 22 -6.87 19.90 9.43
CA SER A 22 -7.13 18.85 10.39
C SER A 22 -8.46 18.23 9.96
N GLN A 23 -9.32 19.01 9.30
CA GLN A 23 -10.59 18.46 8.85
C GLN A 23 -10.31 17.36 7.80
N ASN A 24 -9.42 17.67 6.86
CA ASN A 24 -9.07 16.73 5.79
C ASN A 24 -8.48 15.46 6.38
N GLU A 25 -7.58 15.63 7.32
CA GLU A 25 -6.91 14.53 8.01
C GLU A 25 -7.94 13.57 8.63
N SER A 26 -8.98 14.12 9.25
CA SER A 26 -10.02 13.30 9.86
C SER A 26 -10.82 12.56 8.82
N LEU A 27 -11.19 13.24 7.73
CA LEU A 27 -11.98 12.56 6.70
C LEU A 27 -11.25 11.35 6.17
N ILE A 28 -9.98 11.50 5.88
CA ILE A 28 -9.26 10.36 5.35
C ILE A 28 -8.78 9.32 6.39
N SER A 29 -8.94 9.59 7.69
CA SER A 29 -8.51 8.61 8.69
C SER A 29 -9.63 7.66 9.10
N LYS A 30 -10.82 7.83 8.52
CA LYS A 30 -11.95 6.98 8.87
C LYS A 30 -11.68 5.45 8.84
N PRO A 31 -11.09 4.92 7.74
CA PRO A 31 -10.83 3.47 7.71
C PRO A 31 -9.91 3.02 8.85
N TYR A 32 -8.93 3.85 9.18
CA TYR A 32 -8.00 3.49 10.23
C TYR A 32 -8.63 3.61 11.63
N ASN A 33 -9.31 4.72 11.92
CA ASN A 33 -9.95 4.86 13.23
C ASN A 33 -10.91 3.69 13.50
N HIS A 34 -11.53 3.17 12.44
CA HIS A 34 -12.44 2.05 12.62
C HIS A 34 -11.73 0.78 13.12
N ILE A 35 -10.57 0.48 12.55
CA ILE A 35 -9.89 -0.73 12.98
C ILE A 35 -9.28 -0.52 14.35
N LEU A 36 -9.13 0.74 14.78
CA LEU A 36 -8.57 1.02 16.13
C LEU A 36 -9.47 0.49 17.22
N LEU A 37 -10.75 0.35 16.92
CA LEU A 37 -11.74 -0.14 17.88
C LEU A 37 -11.53 -1.62 18.20
N ARG A 44 0.02 -7.27 23.32
CA ARG A 44 1.16 -7.00 22.40
C ARG A 44 1.93 -5.73 22.77
N LEU A 45 1.36 -4.94 23.67
CA LEU A 45 2.08 -3.77 24.17
C LEU A 45 2.96 -4.48 25.18
N ASN A 46 2.38 -5.55 25.73
CA ASN A 46 3.04 -6.37 26.73
C ASN A 46 4.29 -7.01 26.17
N LEU A 47 4.23 -7.44 24.91
CA LEU A 47 5.36 -8.08 24.21
C LEU A 47 6.51 -7.07 24.11
N ILE A 48 6.19 -5.86 23.65
CA ILE A 48 7.18 -4.81 23.55
C ILE A 48 7.76 -4.63 24.96
N VAL A 49 6.89 -4.58 25.96
CA VAL A 49 7.35 -4.39 27.33
C VAL A 49 8.26 -5.54 27.83
N GLN A 50 7.87 -6.79 27.59
CA GLN A 50 8.71 -7.91 28.01
C GLN A 50 10.06 -7.79 27.35
N ILE A 51 10.06 -7.58 26.05
CA ILE A 51 11.31 -7.45 25.31
C ILE A 51 12.18 -6.30 25.85
N ASN A 52 11.55 -5.22 26.31
CA ASN A 52 12.34 -4.12 26.82
C ASN A 52 13.08 -4.46 28.12
N ARG A 53 12.62 -5.49 28.83
CA ARG A 53 13.31 -5.83 30.05
C ARG A 53 14.74 -6.22 29.68
N VAL A 54 14.94 -6.66 28.44
CA VAL A 54 16.27 -7.03 27.97
C VAL A 54 16.92 -5.88 27.21
N MET A 55 16.09 -5.12 26.50
CA MET A 55 16.61 -4.01 25.70
C MET A 55 16.93 -2.70 26.43
N ASN A 56 16.18 -2.41 27.49
CA ASN A 56 16.36 -1.18 28.31
C ASN A 56 16.27 0.19 27.65
N LEU A 57 15.24 0.40 26.83
CA LEU A 57 15.07 1.69 26.18
C LEU A 57 14.28 2.55 27.18
N PRO A 58 14.51 3.87 27.20
CA PRO A 58 13.77 4.75 28.10
C PRO A 58 12.31 4.80 27.62
N LYS A 59 11.38 4.86 28.56
CA LYS A 59 9.95 4.87 28.29
C LYS A 59 9.44 5.76 27.14
N ASP A 60 10.06 6.91 26.91
CA ASP A 60 9.56 7.75 25.85
C ASP A 60 9.97 7.26 24.46
N GLN A 61 11.14 6.65 24.34
CA GLN A 61 11.58 6.12 23.05
C GLN A 61 10.75 4.85 22.75
N LEU A 62 10.47 4.09 23.79
CA LEU A 62 9.67 2.87 23.70
C LEU A 62 8.23 3.21 23.26
N ALA A 63 7.71 4.34 23.72
CA ALA A 63 6.36 4.75 23.35
C ALA A 63 6.26 4.97 21.84
N ILE A 64 7.33 5.55 21.26
CA ILE A 64 7.36 5.81 19.84
C ILE A 64 7.54 4.53 19.04
N VAL A 65 8.33 3.60 19.56
CA VAL A 65 8.53 2.34 18.87
C VAL A 65 7.17 1.68 18.79
N SER A 66 6.46 1.73 19.90
CA SER A 66 5.17 1.13 20.01
C SER A 66 4.20 1.78 19.00
N GLN A 67 4.24 3.10 18.87
CA GLN A 67 3.37 3.79 17.92
C GLN A 67 3.67 3.40 16.47
N ILE A 68 4.95 3.29 16.13
CA ILE A 68 5.33 2.91 14.76
C ILE A 68 4.79 1.50 14.45
N VAL A 69 5.01 0.58 15.37
CA VAL A 69 4.54 -0.80 15.24
C VAL A 69 3.01 -0.88 15.19
N GLU A 70 2.32 -0.10 16.04
CA GLU A 70 0.86 -0.08 16.02
C GLU A 70 0.35 0.35 14.64
N LEU A 71 0.93 1.43 14.10
CA LEU A 71 0.52 1.91 12.78
C LEU A 71 0.77 0.85 11.67
N LEU A 72 1.95 0.24 11.67
CA LEU A 72 2.27 -0.75 10.67
C LEU A 72 1.35 -1.94 10.76
N HIS A 73 1.13 -2.41 11.99
CA HIS A 73 0.30 -3.56 12.26
C HIS A 73 -1.13 -3.32 11.81
N ASN A 74 -1.74 -2.25 12.27
CA ASN A 74 -3.12 -1.99 11.86
C ASN A 74 -3.24 -1.74 10.35
N SER A 75 -2.30 -1.00 9.76
CA SER A 75 -2.39 -0.72 8.30
C SER A 75 -2.26 -2.02 7.53
N SER A 76 -1.39 -2.90 7.99
CA SER A 76 -1.20 -4.23 7.39
C SER A 76 -2.49 -5.06 7.39
N LEU A 77 -3.24 -4.99 8.49
CA LEU A 77 -4.46 -5.74 8.63
C LEU A 77 -5.52 -5.14 7.69
N LEU A 78 -5.59 -3.82 7.61
CA LEU A 78 -6.57 -3.20 6.71
C LEU A 78 -6.37 -3.71 5.26
N ILE A 79 -5.12 -3.79 4.84
CA ILE A 79 -4.76 -4.24 3.47
C ILE A 79 -5.01 -5.72 3.35
N ASP A 80 -4.57 -6.44 4.37
CA ASP A 80 -4.74 -7.87 4.43
C ASP A 80 -6.20 -8.29 4.23
N ASP A 81 -7.11 -7.60 4.94
CA ASP A 81 -8.51 -7.92 4.82
C ASP A 81 -9.05 -7.60 3.43
N ILE A 82 -8.48 -6.62 2.75
CA ILE A 82 -8.96 -6.36 1.40
C ILE A 82 -8.42 -7.53 0.53
N GLU A 83 -7.13 -7.82 0.65
CA GLU A 83 -6.51 -8.89 -0.15
C GLU A 83 -7.12 -10.24 0.12
N ASP A 84 -7.63 -10.45 1.33
CA ASP A 84 -8.25 -11.71 1.67
C ASP A 84 -9.78 -11.66 1.52
N ASN A 85 -10.33 -10.54 1.09
CA ASN A 85 -11.79 -10.43 0.94
C ASN A 85 -12.47 -10.82 2.30
N ALA A 86 -11.89 -10.42 3.41
CA ALA A 86 -12.44 -10.80 4.69
C ALA A 86 -13.61 -9.91 5.11
N PRO A 87 -14.73 -10.53 5.53
CA PRO A 87 -15.87 -9.70 5.94
C PRO A 87 -15.75 -9.27 7.42
N LEU A 88 -14.92 -9.94 8.21
CA LEU A 88 -14.86 -9.63 9.64
C LEU A 88 -13.49 -9.58 10.21
N ARG A 89 -13.29 -8.74 11.23
CA ARG A 89 -11.97 -8.68 11.86
C ARG A 89 -12.26 -8.49 13.37
N ARG A 90 -11.96 -9.54 14.16
CA ARG A 90 -12.25 -9.55 15.61
C ARG A 90 -13.75 -9.30 15.80
N GLY A 91 -14.58 -10.19 15.26
CA GLY A 91 -16.03 -10.04 15.40
C GLY A 91 -16.66 -8.78 14.81
N GLN A 92 -15.89 -7.88 14.19
CA GLN A 92 -16.50 -6.68 13.63
C GLN A 92 -16.31 -6.51 12.12
N THR A 93 -17.22 -5.78 11.48
CA THR A 93 -17.15 -5.55 10.05
C THR A 93 -15.84 -4.89 9.59
N THR A 94 -15.28 -5.45 8.52
CA THR A 94 -14.06 -4.93 7.95
C THR A 94 -14.20 -3.50 7.38
N SER A 95 -13.18 -2.66 7.55
CA SER A 95 -13.24 -1.31 7.03
C SER A 95 -13.54 -1.17 5.56
N HIS A 96 -13.01 -2.07 4.72
CA HIS A 96 -13.23 -1.90 3.28
C HIS A 96 -14.70 -2.05 2.90
N LEU A 97 -15.45 -2.80 3.71
CA LEU A 97 -16.85 -3.00 3.42
C LEU A 97 -17.64 -1.79 3.90
N ILE A 98 -17.08 -1.01 4.80
CA ILE A 98 -17.81 0.14 5.29
C ILE A 98 -17.50 1.36 4.48
N PHE A 99 -16.21 1.68 4.38
CA PHE A 99 -15.80 2.86 3.64
C PHE A 99 -15.36 2.63 2.21
N GLY A 100 -15.31 1.36 1.80
CA GLY A 100 -14.91 1.04 0.42
C GLY A 100 -13.45 0.70 0.27
N VAL A 101 -13.17 -0.14 -0.72
CA VAL A 101 -11.79 -0.54 -1.01
C VAL A 101 -10.85 0.62 -1.34
N PRO A 102 -11.28 1.58 -2.18
CA PRO A 102 -10.42 2.72 -2.52
C PRO A 102 -9.90 3.52 -1.32
N SER A 103 -10.81 4.05 -0.49
CA SER A 103 -10.36 4.82 0.68
C SER A 103 -9.58 3.95 1.65
N THR A 104 -9.91 2.65 1.76
CA THR A 104 -9.19 1.81 2.73
C THR A 104 -7.75 1.55 2.29
N ILE A 105 -7.54 1.30 1.00
CA ILE A 105 -6.19 1.11 0.51
C ILE A 105 -5.39 2.42 0.73
N ASN A 106 -5.95 3.52 0.27
CA ASN A 106 -5.24 4.76 0.41
C ASN A 106 -4.85 5.09 1.84
N THR A 107 -5.82 4.96 2.76
CA THR A 107 -5.55 5.27 4.15
C THR A 107 -4.51 4.36 4.77
N ALA A 108 -4.60 3.07 4.47
CA ALA A 108 -3.62 2.12 5.01
C ALA A 108 -2.23 2.50 4.48
N ASN A 109 -2.12 2.74 3.18
CA ASN A 109 -0.82 3.10 2.62
C ASN A 109 -0.31 4.42 3.25
N TYR A 110 -1.20 5.39 3.42
CA TYR A 110 -0.85 6.66 4.08
C TYR A 110 -0.23 6.41 5.45
N MET A 111 -0.82 5.49 6.22
CA MET A 111 -0.33 5.20 7.53
C MET A 111 1.06 4.56 7.49
N TYR A 112 1.40 3.84 6.42
CA TYR A 112 2.76 3.27 6.34
C TYR A 112 3.75 4.44 6.38
N PHE A 113 3.46 5.48 5.60
CA PHE A 113 4.35 6.62 5.55
C PHE A 113 4.34 7.50 6.80
N ARG A 114 3.24 7.49 7.56
CA ARG A 114 3.20 8.26 8.79
C ARG A 114 4.09 7.49 9.74
N ALA A 115 4.06 6.15 9.66
CA ALA A 115 4.92 5.37 10.54
C ALA A 115 6.37 5.67 10.23
N MET A 116 6.67 5.71 8.95
CA MET A 116 8.04 5.99 8.53
C MET A 116 8.47 7.36 9.14
N GLN A 117 7.60 8.35 9.02
CA GLN A 117 7.87 9.68 9.54
C GLN A 117 8.26 9.67 11.02
N LEU A 118 7.62 8.80 11.81
CA LEU A 118 7.89 8.66 13.25
C LEU A 118 9.32 8.17 13.61
N VAL A 119 9.98 7.48 12.70
CA VAL A 119 11.30 7.00 13.00
C VAL A 119 12.23 8.16 13.37
N SER A 120 12.09 9.28 12.67
CA SER A 120 12.94 10.42 12.98
C SER A 120 12.75 10.90 14.42
N GLN A 121 11.62 10.57 15.06
CA GLN A 121 11.42 10.98 16.44
C GLN A 121 12.14 10.06 17.44
N LEU A 122 12.91 9.11 16.94
CA LEU A 122 13.57 8.18 17.85
C LEU A 122 14.99 8.62 18.26
N THR A 123 15.64 9.40 17.38
CA THR A 123 17.00 9.87 17.60
C THR A 123 17.29 11.14 16.83
N THR A 124 18.35 11.83 17.25
CA THR A 124 18.78 13.06 16.58
C THR A 124 20.13 12.73 15.95
N LYS A 125 20.67 11.60 16.35
CA LYS A 125 21.97 11.11 15.88
C LYS A 125 21.89 10.45 14.52
N GLU A 126 22.47 11.10 13.51
CA GLU A 126 22.44 10.62 12.14
C GLU A 126 22.84 9.18 11.77
N PRO A 127 23.87 8.60 12.44
CA PRO A 127 24.29 7.22 12.15
C PRO A 127 23.20 6.20 12.54
N LEU A 128 22.62 6.43 13.70
CA LEU A 128 21.57 5.58 14.21
C LEU A 128 20.35 5.70 13.28
N TYR A 129 19.99 6.95 12.95
CA TYR A 129 18.85 7.19 12.09
C TYR A 129 18.89 6.34 10.85
N HIS A 130 20.05 6.37 10.19
CA HIS A 130 20.22 5.62 8.96
C HIS A 130 19.93 4.12 9.15
N ASN A 131 20.43 3.56 10.24
CA ASN A 131 20.23 2.16 10.56
C ASN A 131 18.76 1.82 10.82
N LEU A 132 18.09 2.70 11.58
CA LEU A 132 16.69 2.53 11.88
C LEU A 132 15.83 2.52 10.59
N ILE A 133 16.12 3.45 9.66
CA ILE A 133 15.34 3.51 8.43
C ILE A 133 15.51 2.26 7.60
N THR A 134 16.75 1.82 7.46
CA THR A 134 17.11 0.63 6.71
C THR A 134 16.39 -0.60 7.28
N ILE A 135 16.29 -0.68 8.61
CA ILE A 135 15.62 -1.78 9.29
C ILE A 135 14.14 -1.79 8.88
N PHE A 136 13.53 -0.61 9.05
CA PHE A 136 12.14 -0.31 8.70
C PHE A 136 11.93 -0.67 7.22
N ASN A 137 12.83 -0.19 6.37
CA ASN A 137 12.74 -0.46 4.93
C ASN A 137 12.89 -1.97 4.64
N GLU A 138 13.88 -2.61 5.26
CA GLU A 138 14.11 -4.04 5.06
C GLU A 138 12.94 -4.97 5.45
N GLU A 139 12.37 -4.76 6.64
CA GLU A 139 11.32 -5.64 7.08
C GLU A 139 10.00 -5.36 6.36
N LEU A 140 9.80 -4.12 5.88
CA LEU A 140 8.60 -3.82 5.10
C LEU A 140 8.76 -4.50 3.75
N ILE A 141 9.99 -4.55 3.21
CA ILE A 141 10.22 -5.26 1.96
C ILE A 141 9.93 -6.72 2.21
N ASN A 142 10.48 -7.29 3.28
CA ASN A 142 10.21 -8.70 3.59
C ASN A 142 8.72 -9.02 3.77
N LEU A 143 8.02 -8.16 4.50
CA LEU A 143 6.59 -8.38 4.69
C LEU A 143 5.86 -8.52 3.35
N HIS A 144 6.10 -7.58 2.42
CA HIS A 144 5.43 -7.62 1.11
C HIS A 144 5.89 -8.83 0.27
N ARG A 145 7.11 -9.30 0.47
CA ARG A 145 7.57 -10.48 -0.28
C ARG A 145 6.77 -11.74 0.10
N GLY A 146 6.66 -12.00 1.39
CA GLY A 146 5.91 -13.16 1.83
C GLY A 146 4.41 -13.01 1.54
N GLN A 147 3.88 -11.82 1.80
CA GLN A 147 2.46 -11.56 1.50
C GLN A 147 2.25 -11.85 -0.03
N GLY A 148 3.17 -11.39 -0.87
CA GLY A 148 3.03 -11.63 -2.30
C GLY A 148 2.95 -13.11 -2.63
N LEU A 149 3.82 -13.92 -2.04
CA LEU A 149 3.82 -15.35 -2.28
C LEU A 149 2.53 -16.02 -1.82
N ASP A 150 2.11 -15.72 -0.60
CA ASP A 150 0.89 -16.29 -0.02
C ASP A 150 -0.28 -16.02 -0.98
N ILE A 151 -0.41 -14.76 -1.39
CA ILE A 151 -1.45 -14.33 -2.29
C ILE A 151 -1.31 -15.02 -3.66
N TYR A 152 -0.10 -15.04 -4.21
CA TYR A 152 0.08 -15.68 -5.53
C TYR A 152 -0.31 -17.15 -5.44
N TRP A 153 0.20 -17.85 -4.46
CA TRP A 153 -0.13 -19.28 -4.33
C TRP A 153 -1.63 -19.48 -4.29
N ARG A 154 -2.31 -18.65 -3.50
CA ARG A 154 -3.75 -18.79 -3.37
C ARG A 154 -4.58 -18.43 -4.64
N ASP A 155 -4.28 -17.28 -5.24
CA ASP A 155 -5.06 -16.85 -6.39
C ASP A 155 -4.75 -17.53 -7.73
N PHE A 156 -3.64 -18.25 -7.81
CA PHE A 156 -3.28 -18.96 -9.03
C PHE A 156 -3.25 -20.44 -8.86
N LEU A 157 -3.75 -20.90 -7.72
CA LEU A 157 -3.79 -22.35 -7.43
C LEU A 157 -4.57 -23.07 -8.56
N PRO A 158 -4.13 -24.27 -9.02
CA PRO A 158 -3.00 -25.09 -8.63
C PRO A 158 -1.69 -24.80 -9.37
N GLU A 159 -1.46 -23.58 -9.83
CA GLU A 159 -0.19 -23.32 -10.54
C GLU A 159 0.98 -23.77 -9.68
N ILE A 160 0.99 -23.36 -8.41
CA ILE A 160 2.06 -23.78 -7.52
C ILE A 160 1.54 -24.43 -6.24
N ILE A 161 2.02 -25.63 -5.92
CA ILE A 161 1.60 -26.28 -4.68
C ILE A 161 2.84 -26.13 -3.81
N PRO A 162 2.80 -25.24 -2.82
CA PRO A 162 4.00 -25.08 -1.99
C PRO A 162 4.25 -26.27 -1.10
N THR A 163 5.52 -26.52 -0.83
CA THR A 163 5.92 -27.57 0.08
C THR A 163 6.01 -26.90 1.45
N GLN A 164 6.22 -27.72 2.47
CA GLN A 164 6.35 -27.26 3.83
C GLN A 164 7.51 -26.26 3.91
N GLU A 165 8.59 -26.61 3.21
CA GLU A 165 9.75 -25.74 3.18
C GLU A 165 9.38 -24.34 2.63
N MET A 166 8.71 -24.34 1.49
CA MET A 166 8.29 -23.11 0.85
C MET A 166 7.37 -22.28 1.79
N TYR A 167 6.42 -22.96 2.41
CA TYR A 167 5.49 -22.31 3.35
C TYR A 167 6.29 -21.62 4.46
N LEU A 168 7.23 -22.34 5.08
CA LEU A 168 8.03 -21.79 6.18
C LEU A 168 8.84 -20.60 5.69
N ASN A 169 9.41 -20.69 4.49
CA ASN A 169 10.13 -19.53 3.99
C ASN A 169 9.18 -18.34 3.78
N MET A 170 7.95 -18.60 3.30
CA MET A 170 7.00 -17.50 3.09
C MET A 170 6.65 -16.82 4.44
N VAL A 171 6.48 -17.63 5.46
CA VAL A 171 6.12 -17.15 6.79
C VAL A 171 7.26 -16.35 7.43
N MET A 172 8.50 -16.78 7.15
CA MET A 172 9.69 -16.10 7.67
C MET A 172 9.61 -14.65 7.21
N ASN A 173 9.01 -14.44 6.04
CA ASN A 173 8.89 -13.08 5.54
C ASN A 173 7.64 -12.34 5.95
N LYS A 174 6.51 -12.93 5.61
CA LYS A 174 5.18 -12.39 5.85
C LYS A 174 4.89 -12.10 7.33
N THR A 175 5.21 -13.05 8.18
CA THR A 175 4.88 -12.88 9.57
C THR A 175 6.08 -12.48 10.40
N GLY A 176 7.23 -13.11 10.14
CA GLY A 176 8.46 -12.77 10.84
C GLY A 176 8.85 -11.30 10.62
N GLY A 177 8.33 -10.73 9.55
CA GLY A 177 8.63 -9.36 9.22
C GLY A 177 8.31 -8.34 10.30
N LEU A 178 7.09 -8.32 10.81
CA LEU A 178 6.77 -7.33 11.84
C LEU A 178 7.44 -7.65 13.17
N PHE A 179 7.66 -8.95 13.42
CA PHE A 179 8.29 -9.36 14.68
C PHE A 179 9.75 -8.90 14.67
N ARG A 180 10.43 -9.13 13.57
CA ARG A 180 11.82 -8.73 13.47
C ARG A 180 11.93 -7.22 13.43
N LEU A 181 10.99 -6.56 12.75
CA LEU A 181 11.06 -5.10 12.66
C LEU A 181 11.08 -4.52 14.08
N THR A 182 10.07 -4.89 14.87
CA THR A 182 9.95 -4.43 16.24
C THR A 182 11.24 -4.70 17.02
N LEU A 183 11.64 -5.97 17.03
CA LEU A 183 12.84 -6.38 17.75
C LEU A 183 14.11 -5.72 17.27
N ARG A 184 14.33 -5.68 15.97
CA ARG A 184 15.52 -5.05 15.46
C ARG A 184 15.57 -3.54 15.83
N LEU A 185 14.42 -2.86 15.74
CA LEU A 185 14.42 -1.43 16.09
C LEU A 185 14.92 -1.30 17.53
N MET A 186 14.35 -2.11 18.41
CA MET A 186 14.72 -2.11 19.83
C MET A 186 16.17 -2.45 20.06
N GLU A 187 16.68 -3.53 19.48
CA GLU A 187 18.07 -3.88 19.66
C GLU A 187 18.96 -2.73 19.20
N ALA A 188 18.59 -2.05 18.12
CA ALA A 188 19.42 -0.96 17.62
C ALA A 188 19.35 0.22 18.59
N LEU A 189 18.24 0.39 19.30
CA LEU A 189 18.12 1.51 20.21
C LEU A 189 18.68 1.27 21.62
N SER A 190 18.92 0.01 21.97
CA SER A 190 19.42 -0.38 23.28
C SER A 190 20.66 0.35 23.76
N PRO A 191 20.60 0.92 24.98
CA PRO A 191 21.69 1.65 25.62
C PRO A 191 22.34 0.66 26.58
N SER A 192 21.84 -0.56 26.53
CA SER A 192 22.30 -1.68 27.37
C SER A 192 23.37 -2.46 26.64
N GLY A 196 22.53 -9.70 25.88
CA GLY A 196 23.46 -10.77 25.36
C GLY A 196 23.37 -10.95 23.85
N HIS A 197 23.19 -12.19 23.39
CA HIS A 197 23.09 -12.43 21.94
C HIS A 197 21.74 -11.89 21.40
N SER A 198 21.68 -11.67 20.09
CA SER A 198 20.45 -11.18 19.43
C SER A 198 19.31 -12.16 19.60
N LEU A 199 18.10 -11.61 19.77
CA LEU A 199 16.89 -12.39 19.92
C LEU A 199 16.16 -12.56 18.58
N VAL A 200 16.81 -12.21 17.47
CA VAL A 200 16.15 -12.35 16.18
C VAL A 200 15.70 -13.81 16.00
N PRO A 201 16.58 -14.79 16.27
CA PRO A 201 16.19 -16.21 16.12
C PRO A 201 14.94 -16.54 16.93
N PHE A 202 14.92 -16.07 18.19
CA PHE A 202 13.76 -16.29 19.04
C PHE A 202 12.49 -15.61 18.46
N ILE A 203 12.64 -14.39 17.93
CA ILE A 203 11.49 -13.70 17.40
C ILE A 203 11.03 -14.40 16.09
N ASN A 204 11.98 -14.94 15.33
CA ASN A 204 11.65 -15.66 14.09
C ASN A 204 10.81 -16.89 14.47
N LEU A 205 11.24 -17.59 15.52
CA LEU A 205 10.54 -18.78 15.99
C LEU A 205 9.16 -18.41 16.47
N LEU A 206 9.08 -17.32 17.22
CA LEU A 206 7.79 -16.82 17.72
C LEU A 206 6.82 -16.57 16.55
N GLY A 207 7.35 -15.95 15.51
CA GLY A 207 6.54 -15.62 14.34
C GLY A 207 6.02 -16.86 13.62
N ILE A 208 6.86 -17.87 13.51
CA ILE A 208 6.46 -19.12 12.87
C ILE A 208 5.39 -19.78 13.76
N ILE A 209 5.63 -19.85 15.06
CA ILE A 209 4.61 -20.44 15.92
C ILE A 209 3.32 -19.64 15.83
N TYR A 210 3.46 -18.32 15.79
CA TYR A 210 2.27 -17.49 15.72
C TYR A 210 1.44 -17.83 14.47
N GLN A 211 2.12 -17.96 13.31
CA GLN A 211 1.39 -18.21 12.07
C GLN A 211 0.77 -19.59 11.93
N ILE A 212 1.50 -20.62 12.33
CA ILE A 212 0.97 -21.96 12.19
C ILE A 212 -0.20 -22.14 13.14
N ARG A 213 -0.10 -21.56 14.34
CA ARG A 213 -1.20 -21.66 15.29
C ARG A 213 -2.42 -20.91 14.75
N ASP A 214 -2.18 -19.74 14.19
CA ASP A 214 -3.26 -18.94 13.60
C ASP A 214 -3.98 -19.84 12.54
N ASP A 215 -3.21 -20.46 11.63
CA ASP A 215 -3.75 -21.36 10.60
C ASP A 215 -4.53 -22.52 11.24
N TYR A 216 -3.91 -23.12 12.24
CA TYR A 216 -4.49 -24.26 12.96
C TYR A 216 -5.82 -23.98 13.63
N LEU A 217 -5.82 -22.97 14.50
CA LEU A 217 -7.02 -22.59 15.22
C LEU A 217 -8.16 -22.15 14.28
N ASN A 218 -7.80 -21.68 13.09
CA ASN A 218 -8.83 -21.27 12.17
C ASN A 218 -9.69 -22.46 11.84
N LEU A 219 -9.13 -23.66 11.76
CA LEU A 219 -9.94 -24.84 11.41
C LEU A 219 -10.45 -25.61 12.65
N LYS A 220 -9.61 -25.67 13.66
CA LYS A 220 -9.92 -26.40 14.88
C LYS A 220 -11.09 -25.77 15.63
N ASP A 221 -11.12 -24.44 15.71
CA ASP A 221 -12.24 -23.81 16.42
C ASP A 221 -13.56 -24.14 15.69
N PHE A 222 -13.50 -24.25 14.36
CA PHE A 222 -14.68 -24.56 13.58
C PHE A 222 -15.10 -25.99 13.87
N GLN A 223 -14.18 -26.91 13.64
CA GLN A 223 -14.47 -28.31 13.87
C GLN A 223 -15.01 -28.59 15.28
N MET A 224 -14.39 -27.97 16.30
CA MET A 224 -14.81 -28.15 17.69
C MET A 224 -16.06 -27.32 18.00
N GLY A 229 -15.35 -19.54 15.57
CA GLY A 229 -14.49 -19.63 14.33
C GLY A 229 -15.27 -20.18 13.14
N PHE A 230 -15.19 -19.52 11.99
CA PHE A 230 -15.91 -19.96 10.80
C PHE A 230 -15.06 -20.59 9.69
N ALA A 231 -13.85 -21.02 10.04
CA ALA A 231 -12.92 -21.63 9.10
C ALA A 231 -12.87 -20.74 7.86
N GLU A 232 -12.72 -19.44 8.07
CA GLU A 232 -12.72 -18.51 6.96
C GLU A 232 -11.50 -18.68 6.05
N ASP A 233 -10.43 -19.30 6.55
CA ASP A 233 -9.27 -19.57 5.69
C ASP A 233 -9.69 -20.48 4.53
N ILE A 234 -10.69 -21.34 4.72
CA ILE A 234 -11.13 -22.25 3.65
C ILE A 234 -11.83 -21.45 2.56
N THR A 235 -12.70 -20.54 3.00
CA THR A 235 -13.48 -19.63 2.14
C THR A 235 -12.50 -18.81 1.33
N GLU A 236 -11.39 -18.50 1.96
CA GLU A 236 -10.38 -17.69 1.31
C GLU A 236 -9.50 -18.48 0.35
N GLY A 237 -9.32 -19.77 0.57
CA GLY A 237 -8.51 -20.56 -0.35
C GLY A 237 -7.02 -20.58 0.00
N LYS A 238 -6.72 -20.06 1.17
CA LYS A 238 -5.37 -19.99 1.70
C LYS A 238 -4.59 -21.30 1.77
N LEU A 239 -3.33 -21.23 1.40
CA LEU A 239 -2.43 -22.38 1.52
C LEU A 239 -1.88 -22.36 2.96
N SER A 240 -2.73 -22.75 3.89
CA SER A 240 -2.38 -22.81 5.28
C SER A 240 -1.44 -24.00 5.57
N PHE A 241 -0.87 -23.97 6.77
CA PHE A 241 0.02 -25.06 7.14
C PHE A 241 -0.67 -26.45 7.04
N PRO A 242 -1.89 -26.60 7.58
CA PRO A 242 -2.59 -27.90 7.49
C PRO A 242 -2.91 -28.27 6.02
N ILE A 243 -3.30 -27.28 5.23
CA ILE A 243 -3.58 -27.53 3.82
C ILE A 243 -2.34 -27.92 3.03
N VAL A 244 -1.22 -27.23 3.29
CA VAL A 244 0.05 -27.54 2.63
C VAL A 244 0.42 -29.00 2.97
N HIS A 245 0.27 -29.40 4.23
CA HIS A 245 0.58 -30.77 4.60
C HIS A 245 -0.31 -31.75 3.85
N ALA A 246 -1.62 -31.48 3.87
CA ALA A 246 -2.58 -32.37 3.22
C ALA A 246 -2.30 -32.51 1.72
N LEU A 247 -1.97 -31.41 1.07
CA LEU A 247 -1.74 -31.46 -0.37
C LEU A 247 -0.46 -32.24 -0.71
N ASN A 248 0.60 -32.07 0.08
CA ASN A 248 1.80 -32.82 -0.18
C ASN A 248 1.65 -34.29 0.23
N PHE A 249 0.93 -34.55 1.32
CA PHE A 249 0.71 -35.92 1.79
C PHE A 249 -0.09 -36.72 0.72
N THR A 250 -1.22 -36.17 0.27
CA THR A 250 -2.05 -36.83 -0.73
C THR A 250 -1.26 -37.13 -2.04
N LYS A 251 -0.53 -36.15 -2.53
CA LYS A 251 0.26 -36.32 -3.75
C LYS A 251 1.21 -37.52 -3.56
N THR A 252 1.95 -37.44 -2.45
CA THR A 252 2.95 -38.42 -2.05
C THR A 252 2.41 -39.83 -1.85
N LYS A 253 1.24 -39.94 -1.20
CA LYS A 253 0.64 -41.22 -0.92
C LYS A 253 -0.20 -41.71 -2.08
N GLY A 254 -0.23 -40.92 -3.14
CA GLY A 254 -1.03 -41.31 -4.29
C GLY A 254 -2.53 -41.18 -4.12
N GLN A 255 -3.00 -40.31 -3.21
CA GLN A 255 -4.46 -40.15 -3.03
C GLN A 255 -4.91 -39.13 -4.04
N THR A 256 -5.00 -39.57 -5.28
CA THR A 256 -5.40 -38.68 -6.35
C THR A 256 -6.73 -37.96 -6.20
N GLU A 257 -7.77 -38.68 -5.84
CA GLU A 257 -9.08 -38.05 -5.71
C GLU A 257 -9.11 -37.04 -4.56
N GLN A 258 -8.52 -37.41 -3.42
CA GLN A 258 -8.52 -36.52 -2.27
C GLN A 258 -7.73 -35.24 -2.55
N HIS A 259 -6.63 -35.38 -3.27
CA HIS A 259 -5.81 -34.23 -3.61
C HIS A 259 -6.62 -33.21 -4.44
N ASN A 260 -7.28 -33.75 -5.46
CA ASN A 260 -8.07 -32.94 -6.33
C ASN A 260 -9.29 -32.35 -5.60
N GLU A 261 -9.86 -33.10 -4.68
CA GLU A 261 -11.03 -32.59 -3.98
C GLU A 261 -10.61 -31.43 -3.06
N ILE A 262 -9.42 -31.54 -2.48
CA ILE A 262 -8.93 -30.49 -1.61
C ILE A 262 -8.79 -29.25 -2.48
N LEU A 263 -8.18 -29.39 -3.66
CA LEU A 263 -8.04 -28.26 -4.57
C LEU A 263 -9.39 -27.68 -4.98
N ARG A 264 -10.33 -28.57 -5.29
CA ARG A 264 -11.65 -28.14 -5.71
C ARG A 264 -12.34 -27.30 -4.62
N ILE A 265 -12.27 -27.72 -3.36
CA ILE A 265 -12.95 -26.97 -2.32
C ILE A 265 -12.30 -25.61 -2.12
N LEU A 266 -10.97 -25.55 -2.07
CA LEU A 266 -10.30 -24.27 -1.95
C LEU A 266 -10.75 -23.32 -3.08
N LEU A 267 -10.80 -23.84 -4.29
CA LEU A 267 -11.17 -23.01 -5.46
C LEU A 267 -12.64 -22.55 -5.52
N LEU A 268 -13.53 -23.14 -4.72
CA LEU A 268 -14.91 -22.69 -4.69
C LEU A 268 -15.11 -21.36 -3.91
N ARG A 269 -14.18 -21.02 -3.02
CA ARG A 269 -14.30 -19.82 -2.19
C ARG A 269 -15.69 -19.90 -1.56
N THR A 270 -15.98 -21.03 -0.95
CA THR A 270 -17.30 -21.26 -0.40
C THR A 270 -17.52 -20.86 1.06
N SER A 271 -18.72 -20.43 1.40
CA SER A 271 -19.03 -20.13 2.79
C SER A 271 -19.99 -21.22 3.26
N ASP A 272 -20.18 -22.26 2.46
CA ASP A 272 -21.10 -23.34 2.90
C ASP A 272 -20.44 -24.12 4.09
N LYS A 273 -21.13 -24.21 5.22
CA LYS A 273 -20.55 -24.88 6.43
C LYS A 273 -20.20 -26.35 6.29
N ASP A 274 -21.06 -27.10 5.62
CA ASP A 274 -20.84 -28.51 5.46
C ASP A 274 -19.68 -28.81 4.54
N ILE A 275 -19.52 -28.00 3.52
CA ILE A 275 -18.41 -28.20 2.58
C ILE A 275 -17.12 -27.91 3.33
N LYS A 276 -17.09 -26.80 4.07
CA LYS A 276 -15.88 -26.47 4.87
C LYS A 276 -15.66 -27.59 5.86
N LEU A 277 -16.73 -28.06 6.47
CA LEU A 277 -16.56 -29.13 7.45
C LEU A 277 -16.10 -30.47 6.81
N LYS A 278 -16.54 -30.75 5.59
CA LYS A 278 -16.09 -31.97 4.91
C LYS A 278 -14.57 -31.90 4.74
N LEU A 279 -14.08 -30.74 4.29
CA LEU A 279 -12.63 -30.56 4.06
C LEU A 279 -11.84 -30.74 5.35
N ILE A 280 -12.34 -30.14 6.41
CA ILE A 280 -11.67 -30.27 7.71
C ILE A 280 -11.62 -31.73 8.12
N GLN A 281 -12.70 -32.49 7.91
CA GLN A 281 -12.65 -33.91 8.32
C GLN A 281 -11.73 -34.73 7.40
N ILE A 282 -11.50 -34.23 6.20
CA ILE A 282 -10.55 -34.92 5.32
C ILE A 282 -9.20 -34.71 6.02
N LEU A 283 -8.95 -33.48 6.46
CA LEU A 283 -7.67 -33.20 7.12
C LEU A 283 -7.53 -33.97 8.43
N GLU A 284 -8.65 -34.23 9.10
CA GLU A 284 -8.68 -34.94 10.38
C GLU A 284 -8.45 -36.47 10.29
N PHE A 285 -9.21 -37.14 9.43
CA PHE A 285 -9.15 -38.60 9.24
C PHE A 285 -8.41 -39.19 8.05
N ASP A 286 -8.32 -38.44 6.94
CA ASP A 286 -7.68 -38.96 5.74
C ASP A 286 -6.20 -38.60 5.58
N THR A 287 -5.84 -37.36 5.92
CA THR A 287 -4.43 -36.98 5.78
C THR A 287 -3.82 -36.79 7.16
N ASN A 288 -4.66 -36.70 8.19
CA ASN A 288 -4.23 -36.47 9.57
C ASN A 288 -3.36 -35.23 9.68
N SER A 289 -3.73 -34.21 8.90
CA SER A 289 -3.03 -32.94 8.88
C SER A 289 -3.24 -32.13 10.19
N LEU A 290 -4.42 -32.23 10.79
CA LEU A 290 -4.66 -31.52 12.04
C LEU A 290 -3.72 -31.99 13.16
N ALA A 291 -3.64 -33.29 13.38
CA ALA A 291 -2.76 -33.81 14.42
C ALA A 291 -1.31 -33.49 14.07
N TYR A 292 -0.95 -33.60 12.79
CA TYR A 292 0.39 -33.27 12.35
C TYR A 292 0.77 -31.83 12.73
N THR A 293 -0.15 -30.92 12.46
CA THR A 293 0.08 -29.52 12.74
C THR A 293 0.12 -29.28 14.26
N LYS A 294 -0.80 -29.88 14.98
CA LYS A 294 -0.81 -29.71 16.43
C LYS A 294 0.54 -30.15 17.02
N ASN A 295 1.01 -31.33 16.61
CA ASN A 295 2.28 -31.83 17.11
C ASN A 295 3.37 -30.87 16.67
N PHE A 296 3.28 -30.37 15.44
CA PHE A 296 4.30 -29.47 14.92
C PHE A 296 4.41 -28.23 15.81
N ILE A 297 3.27 -27.71 16.24
CA ILE A 297 3.26 -26.55 17.07
C ILE A 297 3.97 -26.92 18.38
N ASN A 298 3.50 -28.00 19.02
CA ASN A 298 4.09 -28.46 20.26
C ASN A 298 5.64 -28.55 20.18
N GLN A 299 6.14 -29.16 19.12
CA GLN A 299 7.57 -29.28 18.90
C GLN A 299 8.26 -27.89 18.91
N LEU A 300 7.79 -26.98 18.09
CA LEU A 300 8.39 -25.65 18.05
C LEU A 300 8.34 -24.98 19.43
N VAL A 301 7.22 -25.16 20.15
CA VAL A 301 7.01 -24.57 21.46
C VAL A 301 7.94 -25.20 22.53
N ASN A 302 8.22 -26.49 22.40
CA ASN A 302 9.11 -27.17 23.34
C ASN A 302 10.54 -26.76 23.07
N MET A 303 10.81 -26.31 21.85
CA MET A 303 12.15 -25.86 21.49
C MET A 303 12.52 -24.64 22.30
N ILE A 304 11.52 -23.93 22.79
CA ILE A 304 11.81 -22.76 23.59
C ILE A 304 11.70 -23.17 25.05
N LYS A 305 10.61 -23.84 25.39
CA LYS A 305 10.42 -24.30 26.75
C LYS A 305 11.56 -25.23 27.17
N ASN A 306 12.29 -25.76 26.20
CA ASN A 306 13.40 -26.68 26.48
C ASN A 306 14.84 -26.19 26.36
N ASP A 307 15.10 -24.95 25.93
CA ASP A 307 16.51 -24.52 25.86
C ASP A 307 16.96 -23.93 27.20
N ASN A 308 17.16 -24.80 28.18
CA ASN A 308 17.57 -24.39 29.53
C ASN A 308 18.83 -23.55 29.58
N GLU A 309 19.66 -23.68 28.55
CA GLU A 309 20.92 -22.91 28.45
C GLU A 309 20.63 -21.56 27.80
N ASN A 310 19.34 -21.28 27.58
CA ASN A 310 18.90 -20.06 26.94
C ASN A 310 19.54 -19.88 25.56
N LYS A 311 19.50 -20.93 24.74
CA LYS A 311 20.07 -20.87 23.40
C LYS A 311 19.24 -19.93 22.53
N TYR A 312 18.01 -19.64 22.97
CA TYR A 312 17.11 -18.75 22.22
C TYR A 312 16.61 -17.63 23.12
N LEU A 313 16.16 -17.97 24.33
CA LEU A 313 15.68 -16.98 25.28
C LEU A 313 16.84 -16.07 25.66
N PRO A 314 16.57 -14.98 26.38
CA PRO A 314 17.66 -14.09 26.77
C PRO A 314 18.56 -14.72 27.84
N GLU A 329 8.56 -14.97 32.16
CA GLU A 329 7.25 -14.49 31.63
C GLU A 329 7.22 -14.45 30.10
N LEU A 330 8.09 -15.20 29.45
CA LEU A 330 8.13 -15.25 27.99
C LEU A 330 7.17 -16.30 27.44
N LEU A 331 6.80 -17.25 28.30
CA LEU A 331 5.89 -18.32 27.88
C LEU A 331 4.44 -17.86 27.91
N TYR A 332 4.07 -17.12 28.96
CA TYR A 332 2.72 -16.58 29.10
C TYR A 332 2.37 -16.08 27.70
N ILE A 333 3.24 -15.23 27.18
CA ILE A 333 3.11 -14.63 25.85
C ILE A 333 2.88 -15.70 24.77
N ILE A 334 3.76 -16.69 24.74
CA ILE A 334 3.68 -17.77 23.77
C ILE A 334 2.33 -18.48 23.76
N ASP A 335 1.67 -18.49 24.92
CA ASP A 335 0.36 -19.16 25.04
C ASP A 335 -0.78 -18.23 24.67
N HIS A 336 -0.49 -16.94 24.63
CA HIS A 336 -1.50 -15.95 24.29
C HIS A 336 -1.12 -15.32 22.97
N LEU A 337 -0.14 -15.95 22.32
CA LEU A 337 0.35 -15.50 21.02
C LEU A 337 -0.84 -15.13 20.13
N SER A 338 -1.92 -15.90 20.21
CA SER A 338 -3.12 -15.65 19.42
C SER A 338 -3.58 -14.20 19.60
N LYS B 5 16.26 -33.28 14.12
CA LYS B 5 16.16 -33.20 12.64
C LYS B 5 15.13 -32.15 12.21
N MET B 6 13.95 -32.19 12.81
CA MET B 6 12.95 -31.17 12.51
C MET B 6 13.44 -29.97 13.32
N GLU B 7 13.93 -30.26 14.52
CA GLU B 7 14.46 -29.23 15.38
C GLU B 7 15.60 -28.56 14.63
N ALA B 8 16.43 -29.36 13.97
CA ALA B 8 17.59 -28.85 13.23
C ALA B 8 17.26 -27.94 12.04
N LYS B 9 16.30 -28.36 11.22
CA LYS B 9 15.92 -27.57 10.06
C LYS B 9 15.28 -26.24 10.47
N ILE B 10 14.57 -26.25 11.59
CA ILE B 10 13.94 -25.05 12.11
C ILE B 10 15.08 -24.16 12.58
N ASP B 11 16.02 -24.75 13.29
CA ASP B 11 17.17 -24.00 13.79
C ASP B 11 17.92 -23.33 12.66
N GLU B 12 18.07 -24.03 11.54
CA GLU B 12 18.77 -23.46 10.38
C GLU B 12 17.96 -22.29 9.76
N LEU B 13 16.63 -22.37 9.84
CA LEU B 13 15.75 -21.35 9.27
C LEU B 13 15.76 -20.02 10.02
N ILE B 14 15.54 -20.10 11.32
CA ILE B 14 15.48 -18.93 12.15
C ILE B 14 16.82 -18.21 12.37
N ASN B 15 17.92 -18.88 12.05
CA ASN B 15 19.23 -18.25 12.22
C ASN B 15 19.71 -17.61 10.94
N ASN B 16 18.97 -17.80 9.86
CA ASN B 16 19.31 -17.20 8.59
C ASN B 16 18.28 -16.09 8.28
N ASP B 17 18.64 -15.27 7.30
CA ASP B 17 17.77 -14.22 6.83
C ASP B 17 16.68 -14.98 6.10
N PRO B 18 15.50 -14.38 5.95
CA PRO B 18 14.41 -15.06 5.26
C PRO B 18 14.85 -15.42 3.84
N VAL B 19 14.47 -16.61 3.39
CA VAL B 19 14.86 -17.04 2.04
C VAL B 19 13.97 -16.36 0.98
N TRP B 20 14.60 -15.85 -0.08
CA TRP B 20 13.92 -15.19 -1.16
C TRP B 20 14.71 -15.40 -2.45
N SER B 21 14.11 -16.03 -3.43
CA SER B 21 14.79 -16.31 -4.70
C SER B 21 14.47 -15.35 -5.82
N SER B 22 15.25 -15.49 -6.87
CA SER B 22 15.13 -14.71 -8.07
C SER B 22 13.77 -15.05 -8.68
N GLN B 23 13.41 -16.32 -8.58
CA GLN B 23 12.15 -16.78 -9.10
C GLN B 23 10.96 -16.17 -8.30
N ASN B 24 11.12 -16.06 -6.97
CA ASN B 24 10.10 -15.46 -6.10
C ASN B 24 9.95 -14.01 -6.55
N GLU B 25 11.09 -13.34 -6.76
CA GLU B 25 11.14 -11.95 -7.19
C GLU B 25 10.35 -11.73 -8.45
N SER B 26 10.48 -12.66 -9.40
CA SER B 26 9.77 -12.54 -10.65
C SER B 26 8.29 -12.69 -10.49
N LEU B 27 7.84 -13.65 -9.69
CA LEU B 27 6.41 -13.83 -9.48
C LEU B 27 5.72 -12.55 -8.95
N ILE B 28 6.34 -11.91 -7.98
CA ILE B 28 5.78 -10.72 -7.37
C ILE B 28 5.84 -9.53 -8.32
N SER B 29 6.81 -9.55 -9.23
CA SER B 29 7.00 -8.46 -10.20
C SER B 29 6.08 -8.46 -11.40
N LYS B 30 5.29 -9.51 -11.56
CA LYS B 30 4.41 -9.60 -12.73
C LYS B 30 3.44 -8.43 -12.93
N PRO B 31 2.67 -8.06 -11.86
CA PRO B 31 1.72 -6.95 -12.03
C PRO B 31 2.44 -5.69 -12.41
N TYR B 32 3.68 -5.54 -11.95
CA TYR B 32 4.42 -4.33 -12.29
C TYR B 32 5.00 -4.39 -13.69
N ASN B 33 5.55 -5.54 -14.05
CA ASN B 33 6.14 -5.63 -15.35
C ASN B 33 5.05 -5.36 -16.37
N HIS B 34 3.82 -5.83 -16.09
CA HIS B 34 2.73 -5.57 -17.02
C HIS B 34 2.49 -4.06 -17.30
N ILE B 35 2.63 -3.18 -16.32
CA ILE B 35 2.38 -1.77 -16.63
C ILE B 35 3.57 -1.08 -17.33
N LEU B 36 4.77 -1.64 -17.18
CA LEU B 36 5.96 -1.09 -17.85
C LEU B 36 5.74 -1.01 -19.36
N LEU B 37 5.01 -1.97 -19.92
CA LEU B 37 4.71 -1.97 -21.35
C LEU B 37 4.06 -0.64 -21.76
N LYS B 41 7.21 6.72 -20.55
CA LYS B 41 8.54 6.66 -19.87
C LYS B 41 9.54 7.47 -20.66
N ASN B 42 9.29 7.60 -21.95
CA ASN B 42 10.18 8.37 -22.80
C ASN B 42 10.00 9.87 -22.60
N PHE B 43 8.83 10.29 -22.15
CA PHE B 43 8.59 11.71 -21.90
C PHE B 43 8.91 12.00 -20.44
N ARG B 44 8.88 10.97 -19.61
CA ARG B 44 9.19 11.14 -18.20
C ARG B 44 10.70 11.31 -18.10
N LEU B 45 11.42 10.47 -18.82
CA LEU B 45 12.87 10.52 -18.81
C LEU B 45 13.25 11.90 -19.33
N ASN B 46 12.61 12.30 -20.43
CA ASN B 46 12.89 13.61 -21.01
C ASN B 46 12.70 14.76 -20.01
N LEU B 47 11.70 14.69 -19.15
CA LEU B 47 11.50 15.76 -18.18
C LEU B 47 12.67 15.84 -17.21
N ILE B 48 13.10 14.68 -16.70
CA ILE B 48 14.23 14.59 -15.77
C ILE B 48 15.49 15.15 -16.46
N VAL B 49 15.77 14.65 -17.67
CA VAL B 49 16.93 15.10 -18.43
C VAL B 49 16.92 16.61 -18.53
N GLN B 50 15.91 17.17 -19.19
CA GLN B 50 15.82 18.61 -19.32
C GLN B 50 16.07 19.35 -17.99
N ILE B 51 15.43 18.95 -16.89
CA ILE B 51 15.66 19.65 -15.63
C ILE B 51 17.12 19.53 -15.20
N ASN B 52 17.77 18.41 -15.54
CA ASN B 52 19.17 18.25 -15.12
C ASN B 52 20.13 19.28 -15.72
N ARG B 53 19.73 19.98 -16.77
CA ARG B 53 20.57 21.02 -17.34
C ARG B 53 20.77 22.16 -16.32
N VAL B 54 19.99 22.16 -15.25
CA VAL B 54 20.11 23.18 -14.25
C VAL B 54 20.67 22.58 -12.98
N MET B 55 20.40 21.29 -12.74
CA MET B 55 20.88 20.63 -11.51
C MET B 55 22.25 20.00 -11.68
N ASN B 56 22.52 19.58 -12.91
CA ASN B 56 23.78 18.94 -13.29
C ASN B 56 24.21 17.76 -12.43
N LEU B 57 23.27 16.84 -12.19
CA LEU B 57 23.63 15.66 -11.41
C LEU B 57 24.47 14.82 -12.37
N PRO B 58 25.40 14.04 -11.82
CA PRO B 58 26.27 13.19 -12.65
C PRO B 58 25.50 11.98 -13.17
N LYS B 59 25.29 11.90 -14.48
CA LYS B 59 24.55 10.79 -15.09
C LYS B 59 24.27 9.61 -14.16
N ASP B 60 25.34 9.06 -13.64
CA ASP B 60 25.28 7.94 -12.71
C ASP B 60 24.08 8.06 -11.74
N GLN B 61 24.13 9.12 -10.94
CA GLN B 61 23.14 9.45 -9.94
C GLN B 61 21.77 9.85 -10.54
N LEU B 62 21.78 10.40 -11.75
CA LEU B 62 20.56 10.81 -12.41
C LEU B 62 19.71 9.57 -12.68
N ALA B 63 20.39 8.49 -13.07
CA ALA B 63 19.73 7.22 -13.37
C ALA B 63 18.94 6.65 -12.19
N ILE B 64 19.51 6.75 -11.01
CA ILE B 64 18.83 6.25 -9.82
C ILE B 64 17.58 7.10 -9.52
N VAL B 65 17.67 8.43 -9.63
CA VAL B 65 16.51 9.27 -9.39
C VAL B 65 15.48 8.84 -10.43
N SER B 66 15.92 8.74 -11.67
CA SER B 66 15.03 8.30 -12.70
C SER B 66 14.37 6.96 -12.35
N GLN B 67 15.14 6.05 -11.75
CA GLN B 67 14.58 4.75 -11.37
C GLN B 67 13.52 4.85 -10.26
N ILE B 68 13.81 5.72 -9.29
CA ILE B 68 12.89 5.98 -8.18
C ILE B 68 11.58 6.57 -8.71
N VAL B 69 11.69 7.56 -9.59
CA VAL B 69 10.50 8.17 -10.14
C VAL B 69 9.73 7.15 -10.97
N GLU B 70 10.41 6.30 -11.71
CA GLU B 70 9.66 5.32 -12.50
C GLU B 70 8.86 4.36 -11.62
N LEU B 71 9.47 3.90 -10.53
CA LEU B 71 8.82 2.98 -9.61
C LEU B 71 7.57 3.60 -8.97
N LEU B 72 7.73 4.79 -8.37
CA LEU B 72 6.58 5.45 -7.73
C LEU B 72 5.47 5.78 -8.71
N HIS B 73 5.85 6.32 -9.86
CA HIS B 73 4.86 6.68 -10.84
C HIS B 73 4.11 5.45 -11.29
N ASN B 74 4.82 4.38 -11.62
CA ASN B 74 4.12 3.20 -12.07
C ASN B 74 3.30 2.52 -10.96
N SER B 75 3.85 2.38 -9.77
CA SER B 75 3.09 1.75 -8.69
C SER B 75 1.86 2.61 -8.32
N SER B 76 1.97 3.92 -8.40
CA SER B 76 0.82 4.74 -8.02
C SER B 76 -0.27 4.53 -9.06
N LEU B 77 0.11 4.32 -10.33
CA LEU B 77 -0.94 4.07 -11.33
C LEU B 77 -1.60 2.70 -11.13
N LEU B 78 -0.81 1.70 -10.71
CA LEU B 78 -1.40 0.36 -10.45
C LEU B 78 -2.49 0.54 -9.34
N ILE B 79 -2.14 1.28 -8.29
CA ILE B 79 -3.06 1.51 -7.17
C ILE B 79 -4.23 2.40 -7.60
N ASP B 80 -3.93 3.43 -8.36
CA ASP B 80 -4.97 4.35 -8.81
C ASP B 80 -6.04 3.62 -9.65
N ASP B 81 -5.61 2.70 -10.52
CA ASP B 81 -6.58 1.96 -11.33
C ASP B 81 -7.50 1.05 -10.49
N ILE B 82 -6.98 0.54 -9.39
CA ILE B 82 -7.80 -0.27 -8.53
C ILE B 82 -8.81 0.70 -7.84
N GLU B 83 -8.30 1.82 -7.33
CA GLU B 83 -9.16 2.78 -6.63
C GLU B 83 -10.25 3.37 -7.53
N ASP B 84 -9.97 3.43 -8.85
CA ASP B 84 -10.91 4.01 -9.78
C ASP B 84 -11.65 2.93 -10.55
N ASN B 85 -11.36 1.68 -10.22
CA ASN B 85 -11.99 0.55 -10.91
C ASN B 85 -11.85 0.81 -12.41
N ALA B 86 -10.65 1.18 -12.85
CA ALA B 86 -10.43 1.45 -14.25
C ALA B 86 -10.17 0.16 -15.04
N PRO B 87 -10.84 -0.01 -16.19
CA PRO B 87 -10.62 -1.22 -16.99
C PRO B 87 -9.50 -1.06 -18.01
N LEU B 88 -9.13 0.19 -18.28
CA LEU B 88 -8.10 0.48 -19.28
C LEU B 88 -7.07 1.52 -18.88
N ARG B 89 -5.83 1.25 -19.23
CA ARG B 89 -4.76 2.18 -18.95
C ARG B 89 -3.90 2.22 -20.22
N ARG B 90 -4.04 3.35 -20.91
CA ARG B 90 -3.38 3.63 -22.16
C ARG B 90 -3.72 2.57 -23.21
N GLY B 91 -5.00 2.24 -23.28
CA GLY B 91 -5.50 1.27 -24.23
C GLY B 91 -5.31 -0.20 -23.89
N GLN B 92 -4.51 -0.49 -22.88
CA GLN B 92 -4.29 -1.86 -22.51
C GLN B 92 -5.06 -2.21 -21.23
N THR B 93 -5.45 -3.47 -21.10
CA THR B 93 -6.15 -3.95 -19.92
C THR B 93 -5.34 -3.65 -18.63
N THR B 94 -6.03 -3.17 -17.59
CA THR B 94 -5.32 -2.83 -16.36
C THR B 94 -4.76 -4.04 -15.64
N SER B 95 -3.70 -3.85 -14.88
CA SER B 95 -3.10 -4.98 -14.19
C SER B 95 -4.00 -5.78 -13.26
N HIS B 96 -4.75 -5.08 -12.41
CA HIS B 96 -5.62 -5.78 -11.46
C HIS B 96 -6.65 -6.68 -12.13
N LEU B 97 -7.01 -6.41 -13.38
CA LEU B 97 -7.97 -7.28 -14.03
C LEU B 97 -7.29 -8.56 -14.55
N ILE B 98 -5.97 -8.54 -14.64
CA ILE B 98 -5.25 -9.72 -15.11
C ILE B 98 -4.67 -10.52 -13.93
N PHE B 99 -3.97 -9.84 -13.02
CA PHE B 99 -3.40 -10.55 -11.88
C PHE B 99 -4.26 -10.53 -10.63
N GLY B 100 -5.36 -9.77 -10.67
CA GLY B 100 -6.28 -9.67 -9.56
C GLY B 100 -5.93 -8.46 -8.67
N VAL B 101 -6.94 -7.96 -7.96
CA VAL B 101 -6.74 -6.86 -7.05
C VAL B 101 -5.70 -7.24 -6.01
N PRO B 102 -5.85 -8.40 -5.33
CA PRO B 102 -4.86 -8.77 -4.32
C PRO B 102 -3.38 -8.67 -4.67
N SER B 103 -2.97 -9.34 -5.75
CA SER B 103 -1.53 -9.29 -6.07
C SER B 103 -1.13 -7.90 -6.51
N THR B 104 -2.04 -7.18 -7.18
CA THR B 104 -1.70 -5.86 -7.69
C THR B 104 -1.47 -4.85 -6.56
N ILE B 105 -2.27 -4.89 -5.49
CA ILE B 105 -2.07 -3.97 -4.38
C ILE B 105 -0.72 -4.27 -3.77
N ASN B 106 -0.47 -5.55 -3.53
CA ASN B 106 0.76 -5.95 -2.89
C ASN B 106 2.01 -5.60 -3.67
N THR B 107 1.98 -5.89 -4.97
CA THR B 107 3.13 -5.61 -5.79
C THR B 107 3.39 -4.09 -5.84
N ALA B 108 2.33 -3.31 -5.94
CA ALA B 108 2.48 -1.86 -6.03
C ALA B 108 3.08 -1.29 -4.78
N ASN B 109 2.58 -1.75 -3.63
CA ASN B 109 3.09 -1.30 -2.34
C ASN B 109 4.55 -1.79 -2.19
N TYR B 110 4.84 -2.99 -2.64
CA TYR B 110 6.21 -3.50 -2.53
C TYR B 110 7.19 -2.54 -3.27
N MET B 111 6.76 -2.06 -4.43
CA MET B 111 7.59 -1.19 -5.26
C MET B 111 7.83 0.16 -4.61
N TYR B 112 6.89 0.61 -3.74
CA TYR B 112 7.08 1.85 -2.98
C TYR B 112 8.33 1.69 -2.12
N PHE B 113 8.42 0.56 -1.44
CA PHE B 113 9.55 0.28 -0.54
C PHE B 113 10.83 -0.03 -1.33
N ARG B 114 10.69 -0.51 -2.54
CA ARG B 114 11.88 -0.76 -3.37
C ARG B 114 12.41 0.61 -3.77
N ALA B 115 11.50 1.52 -4.12
CA ALA B 115 11.88 2.86 -4.51
C ALA B 115 12.64 3.49 -3.31
N MET B 116 12.07 3.33 -2.14
CA MET B 116 12.64 3.84 -0.92
C MET B 116 14.10 3.33 -0.78
N GLN B 117 14.30 2.03 -1.06
CA GLN B 117 15.64 1.46 -0.92
C GLN B 117 16.66 2.14 -1.85
N LEU B 118 16.22 2.47 -3.06
CA LEU B 118 17.06 3.17 -4.03
C LEU B 118 17.49 4.57 -3.54
N VAL B 119 16.71 5.18 -2.64
CA VAL B 119 17.04 6.49 -2.11
C VAL B 119 18.35 6.42 -1.34
N SER B 120 18.52 5.33 -0.57
CA SER B 120 19.72 5.10 0.22
C SER B 120 20.95 5.00 -0.66
N GLN B 121 20.77 4.72 -1.94
CA GLN B 121 21.91 4.60 -2.84
C GLN B 121 22.24 5.86 -3.64
N LEU B 122 21.59 6.96 -3.32
CA LEU B 122 21.87 8.21 -4.02
C LEU B 122 23.15 8.84 -3.43
N THR B 123 23.35 8.67 -2.12
CA THR B 123 24.48 9.25 -1.40
C THR B 123 24.80 8.45 -0.17
N THR B 124 26.03 8.63 0.33
CA THR B 124 26.43 7.97 1.57
C THR B 124 26.59 9.02 2.66
N LYS B 125 26.60 10.30 2.25
CA LYS B 125 26.76 11.40 3.19
C LYS B 125 25.55 11.42 4.10
N GLU B 126 25.80 11.31 5.39
CA GLU B 126 24.74 11.22 6.39
C GLU B 126 23.70 12.34 6.44
N PRO B 127 24.14 13.60 6.40
CA PRO B 127 23.15 14.68 6.45
C PRO B 127 22.23 14.62 5.23
N LEU B 128 22.87 14.65 4.06
CA LEU B 128 22.19 14.60 2.78
C LEU B 128 21.23 13.41 2.70
N TYR B 129 21.65 12.26 3.19
CA TYR B 129 20.79 11.10 3.14
C TYR B 129 19.50 11.32 3.90
N HIS B 130 19.62 11.94 5.07
CA HIS B 130 18.46 12.22 5.89
C HIS B 130 17.48 13.15 5.14
N ASN B 131 18.00 14.17 4.49
CA ASN B 131 17.14 15.08 3.76
C ASN B 131 16.47 14.39 2.58
N LEU B 132 17.18 13.48 1.91
CA LEU B 132 16.60 12.81 0.76
C LEU B 132 15.45 11.93 1.24
N ILE B 133 15.61 11.28 2.40
CA ILE B 133 14.57 10.45 2.96
C ILE B 133 13.39 11.32 3.38
N THR B 134 13.65 12.43 4.05
CA THR B 134 12.58 13.33 4.47
C THR B 134 11.82 13.83 3.27
N ILE B 135 12.54 14.10 2.16
CA ILE B 135 11.87 14.58 0.95
C ILE B 135 10.90 13.53 0.43
N PHE B 136 11.40 12.30 0.30
CA PHE B 136 10.64 11.15 -0.16
C PHE B 136 9.41 10.98 0.76
N ASN B 137 9.69 10.84 2.06
CA ASN B 137 8.62 10.65 3.03
C ASN B 137 7.51 11.72 2.90
N GLU B 138 7.91 12.99 2.94
CA GLU B 138 6.98 14.12 2.85
C GLU B 138 6.11 14.13 1.60
N GLU B 139 6.68 13.85 0.43
CA GLU B 139 5.85 13.87 -0.78
C GLU B 139 4.94 12.63 -0.95
N LEU B 140 5.34 11.49 -0.39
CA LEU B 140 4.46 10.33 -0.48
C LEU B 140 3.27 10.62 0.45
N ILE B 141 3.54 11.30 1.57
CA ILE B 141 2.49 11.74 2.51
C ILE B 141 1.51 12.64 1.75
N ASN B 142 2.04 13.67 1.08
CA ASN B 142 1.21 14.56 0.30
C ASN B 142 0.42 13.81 -0.79
N LEU B 143 1.09 12.92 -1.52
CA LEU B 143 0.39 12.15 -2.57
C LEU B 143 -0.86 11.46 -2.03
N HIS B 144 -0.70 10.78 -0.92
CA HIS B 144 -1.79 10.05 -0.33
C HIS B 144 -2.90 10.94 0.22
N ARG B 145 -2.51 12.06 0.82
CA ARG B 145 -3.50 13.00 1.32
C ARG B 145 -4.34 13.48 0.13
N GLY B 146 -3.64 13.89 -0.92
CA GLY B 146 -4.35 14.40 -2.08
C GLY B 146 -5.25 13.33 -2.69
N GLN B 147 -4.66 12.15 -2.89
CA GLN B 147 -5.44 11.03 -3.45
C GLN B 147 -6.58 10.72 -2.48
N GLY B 148 -6.30 10.80 -1.18
CA GLY B 148 -7.36 10.47 -0.23
C GLY B 148 -8.60 11.38 -0.31
N LEU B 149 -8.35 12.67 -0.45
CA LEU B 149 -9.43 13.66 -0.53
C LEU B 149 -10.19 13.51 -1.85
N ASP B 150 -9.48 13.24 -2.95
CA ASP B 150 -10.12 13.07 -4.27
C ASP B 150 -11.10 11.87 -4.23
N ILE B 151 -10.60 10.79 -3.65
CA ILE B 151 -11.41 9.60 -3.47
C ILE B 151 -12.60 9.88 -2.51
N TYR B 152 -12.34 10.60 -1.42
CA TYR B 152 -13.41 10.87 -0.43
C TYR B 152 -14.54 11.67 -1.08
N TRP B 153 -14.18 12.73 -1.81
CA TRP B 153 -15.22 13.55 -2.45
C TRP B 153 -16.04 12.69 -3.36
N ARG B 154 -15.38 11.88 -4.19
CA ARG B 154 -16.06 11.00 -5.12
C ARG B 154 -16.97 10.00 -4.40
N ASP B 155 -16.42 9.30 -3.41
CA ASP B 155 -17.20 8.28 -2.76
C ASP B 155 -18.26 8.71 -1.74
N PHE B 156 -18.18 9.96 -1.28
CA PHE B 156 -19.21 10.45 -0.37
C PHE B 156 -20.13 11.41 -1.09
N LEU B 157 -19.87 11.65 -2.38
CA LEU B 157 -20.75 12.57 -3.12
C LEU B 157 -22.19 12.04 -2.92
N PRO B 158 -23.18 12.94 -2.73
CA PRO B 158 -23.07 14.40 -2.66
C PRO B 158 -22.90 15.04 -1.26
N GLU B 159 -22.23 14.36 -0.33
CA GLU B 159 -22.09 14.97 0.98
C GLU B 159 -21.33 16.28 0.82
N ILE B 160 -20.24 16.26 0.06
CA ILE B 160 -19.43 17.45 -0.13
C ILE B 160 -19.21 17.78 -1.60
N ILE B 161 -19.44 19.03 -2.00
CA ILE B 161 -19.15 19.39 -3.37
C ILE B 161 -18.00 20.39 -3.25
N PRO B 162 -16.83 20.04 -3.77
CA PRO B 162 -15.79 21.06 -3.60
C PRO B 162 -15.86 22.29 -4.49
N THR B 163 -15.23 23.35 -4.03
CA THR B 163 -15.12 24.57 -4.81
C THR B 163 -13.83 24.44 -5.59
N GLN B 164 -13.59 25.41 -6.47
CA GLN B 164 -12.41 25.42 -7.28
C GLN B 164 -11.14 25.51 -6.43
N GLU B 165 -11.19 26.30 -5.36
CA GLU B 165 -10.04 26.40 -4.52
C GLU B 165 -9.73 25.07 -3.81
N MET B 166 -10.76 24.36 -3.35
CA MET B 166 -10.53 23.12 -2.63
C MET B 166 -9.90 22.14 -3.59
N TYR B 167 -10.43 22.11 -4.81
CA TYR B 167 -9.92 21.26 -5.86
C TYR B 167 -8.45 21.56 -6.11
N LEU B 168 -8.07 22.84 -6.20
CA LEU B 168 -6.67 23.16 -6.47
C LEU B 168 -5.75 22.73 -5.34
N ASN B 169 -6.19 22.86 -4.10
CA ASN B 169 -5.37 22.42 -2.97
C ASN B 169 -5.24 20.90 -3.05
N MET B 170 -6.31 20.21 -3.46
CA MET B 170 -6.24 18.75 -3.56
C MET B 170 -5.19 18.35 -4.62
N VAL B 171 -5.21 19.06 -5.75
CA VAL B 171 -4.28 18.78 -6.82
C VAL B 171 -2.83 19.03 -6.41
N MET B 172 -2.59 20.08 -5.62
CA MET B 172 -1.24 20.41 -5.16
C MET B 172 -0.64 19.19 -4.45
N ASN B 173 -1.50 18.43 -3.79
CA ASN B 173 -1.06 17.22 -3.09
C ASN B 173 -0.98 16.00 -4.00
N LYS B 174 -2.11 15.66 -4.60
CA LYS B 174 -2.23 14.51 -5.48
C LYS B 174 -1.28 14.48 -6.66
N THR B 175 -1.22 15.58 -7.42
CA THR B 175 -0.38 15.65 -8.59
C THR B 175 0.93 16.39 -8.30
N GLY B 176 0.89 17.35 -7.38
CA GLY B 176 2.09 18.07 -7.02
C GLY B 176 3.16 17.21 -6.38
N GLY B 177 2.75 16.23 -5.58
CA GLY B 177 3.71 15.36 -4.92
C GLY B 177 4.78 14.66 -5.77
N LEU B 178 4.38 13.89 -6.77
CA LEU B 178 5.39 13.21 -7.59
C LEU B 178 6.26 14.24 -8.33
N PHE B 179 5.68 15.38 -8.71
CA PHE B 179 6.46 16.39 -9.39
C PHE B 179 7.50 16.99 -8.46
N ARG B 180 7.05 17.45 -7.29
CA ARG B 180 7.94 18.03 -6.29
C ARG B 180 8.94 16.98 -5.78
N LEU B 181 8.52 15.72 -5.69
CA LEU B 181 9.45 14.70 -5.21
C LEU B 181 10.66 14.64 -6.16
N THR B 182 10.43 14.59 -7.46
CA THR B 182 11.51 14.52 -8.44
C THR B 182 12.39 15.75 -8.36
N LEU B 183 11.74 16.91 -8.36
CA LEU B 183 12.50 18.16 -8.32
C LEU B 183 13.26 18.37 -7.01
N ARG B 184 12.62 18.12 -5.86
CA ARG B 184 13.28 18.34 -4.59
C ARG B 184 14.50 17.44 -4.41
N LEU B 185 14.41 16.21 -4.86
CA LEU B 185 15.54 15.30 -4.76
C LEU B 185 16.69 15.86 -5.61
N MET B 186 16.38 16.17 -6.86
CA MET B 186 17.39 16.69 -7.79
C MET B 186 18.05 17.98 -7.26
N GLU B 187 17.25 18.90 -6.74
CA GLU B 187 17.82 20.13 -6.19
C GLU B 187 18.67 19.83 -4.97
N ALA B 188 18.32 18.79 -4.22
CA ALA B 188 19.11 18.47 -3.03
C ALA B 188 20.45 17.82 -3.41
N LEU B 189 20.46 17.16 -4.56
CA LEU B 189 21.63 16.47 -5.05
C LEU B 189 22.56 17.34 -5.91
N SER B 190 21.99 18.38 -6.52
CA SER B 190 22.73 19.29 -7.38
C SER B 190 24.08 19.73 -6.81
N PRO B 191 25.14 19.61 -7.61
CA PRO B 191 26.49 20.00 -7.19
C PRO B 191 26.79 21.43 -7.65
N SER B 192 25.78 22.08 -8.23
CA SER B 192 25.90 23.46 -8.74
C SER B 192 25.63 24.57 -7.72
N HIS B 197 16.83 30.65 -7.69
CA HIS B 197 15.51 30.29 -7.08
C HIS B 197 15.15 28.83 -7.33
N SER B 198 14.46 28.23 -6.36
CA SER B 198 14.01 26.85 -6.47
C SER B 198 13.08 26.76 -7.66
N LEU B 199 12.97 25.58 -8.26
CA LEU B 199 12.06 25.43 -9.38
C LEU B 199 10.77 24.78 -8.85
N VAL B 200 10.63 24.72 -7.54
CA VAL B 200 9.43 24.09 -7.01
C VAL B 200 8.13 24.79 -7.46
N PRO B 201 8.06 26.13 -7.34
CA PRO B 201 6.84 26.84 -7.78
C PRO B 201 6.52 26.49 -9.23
N PHE B 202 7.54 26.37 -10.06
CA PHE B 202 7.35 26.02 -11.46
C PHE B 202 6.83 24.58 -11.60
N ILE B 203 7.39 23.67 -10.82
CA ILE B 203 6.97 22.29 -10.91
C ILE B 203 5.53 22.14 -10.37
N ASN B 204 5.16 22.96 -9.38
CA ASN B 204 3.80 22.94 -8.85
C ASN B 204 2.80 23.29 -9.96
N LEU B 205 3.13 24.32 -10.74
CA LEU B 205 2.28 24.80 -11.83
C LEU B 205 2.21 23.74 -12.91
N LEU B 206 3.33 23.06 -13.10
CA LEU B 206 3.36 22.00 -14.09
C LEU B 206 2.33 20.95 -13.69
N GLY B 207 2.35 20.59 -12.41
CA GLY B 207 1.45 19.58 -11.88
C GLY B 207 -0.01 19.99 -11.99
N ILE B 208 -0.32 21.24 -11.64
CA ILE B 208 -1.70 21.70 -11.74
C ILE B 208 -2.15 21.71 -13.20
N ILE B 209 -1.30 22.23 -14.09
CA ILE B 209 -1.67 22.27 -15.52
C ILE B 209 -1.88 20.83 -15.93
N TYR B 210 -0.98 19.97 -15.50
CA TYR B 210 -1.09 18.56 -15.82
C TYR B 210 -2.44 17.93 -15.41
N GLN B 211 -2.86 18.16 -14.17
CA GLN B 211 -4.13 17.53 -13.74
C GLN B 211 -5.39 18.08 -14.42
N ILE B 212 -5.47 19.40 -14.54
CA ILE B 212 -6.62 20.01 -15.20
C ILE B 212 -6.71 19.59 -16.66
N ARG B 213 -5.58 19.48 -17.36
CA ARG B 213 -5.62 19.05 -18.77
C ARG B 213 -6.02 17.58 -18.86
N ASP B 214 -5.61 16.78 -17.89
CA ASP B 214 -5.97 15.38 -17.84
C ASP B 214 -7.51 15.32 -17.66
N ASP B 215 -8.05 16.09 -16.70
CA ASP B 215 -9.52 16.09 -16.51
C ASP B 215 -10.26 16.58 -17.80
N TYR B 216 -9.72 17.64 -18.42
CA TYR B 216 -10.33 18.23 -19.62
C TYR B 216 -10.30 17.26 -20.81
N LEU B 217 -9.13 16.72 -21.13
CA LEU B 217 -9.03 15.80 -22.26
C LEU B 217 -9.89 14.56 -22.11
N ASN B 218 -10.04 14.08 -20.86
CA ASN B 218 -10.87 12.91 -20.62
C ASN B 218 -12.30 13.08 -21.19
N LEU B 219 -12.81 14.30 -21.16
CA LEU B 219 -14.17 14.58 -21.66
C LEU B 219 -14.19 15.00 -23.15
N LYS B 220 -13.12 15.69 -23.55
CA LYS B 220 -12.95 16.20 -24.90
C LYS B 220 -12.71 15.10 -25.93
N ASP B 221 -11.74 14.22 -25.66
CA ASP B 221 -11.43 13.11 -26.56
C ASP B 221 -12.69 12.33 -26.92
N PHE B 222 -13.57 12.19 -25.94
CA PHE B 222 -14.83 11.48 -26.09
C PHE B 222 -15.92 12.29 -26.78
N GLN B 223 -15.99 13.58 -26.47
CA GLN B 223 -16.99 14.47 -27.06
C GLN B 223 -16.83 14.47 -28.58
N MET B 224 -15.62 14.13 -29.01
CA MET B 224 -15.27 14.03 -30.42
C MET B 224 -15.16 12.52 -30.71
N SER B 225 -16.04 11.75 -30.05
CA SER B 225 -16.06 10.30 -30.20
C SER B 225 -17.32 9.65 -29.55
N PHE B 230 -13.76 7.94 -24.28
CA PHE B 230 -14.52 7.12 -23.27
C PHE B 230 -15.14 7.90 -22.13
N ALA B 231 -14.49 8.99 -21.73
CA ALA B 231 -14.97 9.81 -20.63
C ALA B 231 -15.17 8.95 -19.39
N GLU B 232 -14.20 8.09 -19.09
CA GLU B 232 -14.28 7.21 -17.92
C GLU B 232 -14.43 8.01 -16.61
N ASP B 233 -14.03 9.28 -16.63
CA ASP B 233 -14.16 10.09 -15.42
C ASP B 233 -15.61 10.19 -14.96
N ILE B 234 -16.53 10.26 -15.92
CA ILE B 234 -17.96 10.35 -15.62
C ILE B 234 -18.38 9.02 -14.97
N THR B 235 -17.96 7.92 -15.58
CA THR B 235 -18.27 6.60 -15.08
C THR B 235 -17.76 6.45 -13.66
N GLU B 236 -16.59 7.04 -13.38
CA GLU B 236 -15.97 6.99 -12.08
C GLU B 236 -16.65 7.96 -11.07
N GLY B 237 -17.28 9.00 -11.59
CA GLY B 237 -17.98 9.93 -10.73
C GLY B 237 -17.04 10.92 -10.12
N LYS B 238 -15.91 11.13 -10.80
CA LYS B 238 -14.84 12.03 -10.37
C LYS B 238 -15.23 13.51 -10.23
N LEU B 239 -14.78 14.17 -9.16
CA LEU B 239 -15.02 15.61 -9.01
C LEU B 239 -13.93 16.31 -9.84
N SER B 240 -14.01 16.08 -11.13
CA SER B 240 -13.14 16.62 -12.16
C SER B 240 -13.15 18.17 -12.18
N PHE B 241 -12.12 18.79 -12.76
CA PHE B 241 -12.11 20.25 -12.83
C PHE B 241 -13.34 20.81 -13.57
N PRO B 242 -13.75 20.20 -14.69
CA PRO B 242 -14.93 20.78 -15.37
C PRO B 242 -16.25 20.56 -14.58
N ILE B 243 -16.28 19.43 -13.87
CA ILE B 243 -17.43 19.07 -13.05
C ILE B 243 -17.56 20.01 -11.85
N VAL B 244 -16.42 20.36 -11.25
CA VAL B 244 -16.45 21.25 -10.10
C VAL B 244 -16.95 22.62 -10.56
N HIS B 245 -16.48 23.07 -11.72
CA HIS B 245 -16.96 24.31 -12.26
C HIS B 245 -18.48 24.21 -12.57
N ALA B 246 -18.91 23.19 -13.30
CA ALA B 246 -20.33 23.10 -13.59
C ALA B 246 -21.23 23.03 -12.31
N LEU B 247 -20.81 22.27 -11.29
CA LEU B 247 -21.64 22.13 -10.10
C LEU B 247 -21.75 23.44 -9.34
N ASN B 248 -20.64 24.17 -9.21
CA ASN B 248 -20.68 25.44 -8.51
C ASN B 248 -21.40 26.55 -9.30
N PHE B 249 -21.30 26.45 -10.63
CA PHE B 249 -21.90 27.40 -11.56
C PHE B 249 -23.42 27.31 -11.45
N THR B 250 -23.95 26.10 -11.58
CA THR B 250 -25.40 25.95 -11.49
C THR B 250 -25.91 26.31 -10.08
N LYS B 251 -25.13 26.04 -9.04
CA LYS B 251 -25.60 26.39 -7.70
C LYS B 251 -25.73 27.92 -7.59
N THR B 252 -24.66 28.60 -7.96
CA THR B 252 -24.58 30.06 -7.92
C THR B 252 -25.65 30.72 -8.79
N LYS B 253 -25.87 30.17 -9.97
CA LYS B 253 -26.89 30.65 -10.90
C LYS B 253 -28.25 30.12 -10.44
N GLY B 254 -28.28 29.49 -9.27
CA GLY B 254 -29.50 28.93 -8.72
C GLY B 254 -30.23 27.96 -9.63
N GLN B 255 -29.53 27.34 -10.59
CA GLN B 255 -30.17 26.37 -11.51
C GLN B 255 -30.31 25.01 -10.83
N THR B 256 -31.26 24.92 -9.91
CA THR B 256 -31.47 23.70 -9.17
C THR B 256 -31.57 22.41 -9.96
N GLU B 257 -32.50 22.31 -10.92
CA GLU B 257 -32.59 21.05 -11.64
C GLU B 257 -31.36 20.64 -12.44
N GLN B 258 -30.61 21.59 -12.99
CA GLN B 258 -29.41 21.24 -13.75
C GLN B 258 -28.34 20.69 -12.79
N HIS B 259 -28.27 21.32 -11.62
CA HIS B 259 -27.32 20.95 -10.58
C HIS B 259 -27.53 19.50 -10.21
N ASN B 260 -28.78 19.17 -9.88
CA ASN B 260 -29.14 17.80 -9.52
C ASN B 260 -28.92 16.83 -10.67
N GLU B 261 -29.24 17.24 -11.88
CA GLU B 261 -29.05 16.33 -13.00
C GLU B 261 -27.56 15.88 -13.14
N ILE B 262 -26.62 16.81 -12.89
CA ILE B 262 -25.18 16.53 -12.96
C ILE B 262 -24.87 15.55 -11.83
N LEU B 263 -25.40 15.84 -10.65
CA LEU B 263 -25.22 14.95 -9.52
C LEU B 263 -25.74 13.55 -9.82
N ARG B 264 -26.95 13.47 -10.40
CA ARG B 264 -27.58 12.19 -10.71
C ARG B 264 -26.80 11.36 -11.72
N ILE B 265 -26.22 12.02 -12.71
CA ILE B 265 -25.48 11.27 -13.73
C ILE B 265 -24.20 10.73 -13.09
N LEU B 266 -23.52 11.56 -12.31
CA LEU B 266 -22.27 11.11 -11.70
C LEU B 266 -22.50 9.92 -10.77
N LEU B 267 -23.62 9.95 -10.05
CA LEU B 267 -23.97 8.92 -9.08
C LEU B 267 -24.35 7.63 -9.74
N LEU B 268 -24.67 7.71 -11.03
CA LEU B 268 -25.03 6.52 -11.78
C LEU B 268 -23.85 5.55 -11.98
N ARG B 269 -22.62 6.06 -11.97
CA ARG B 269 -21.41 5.26 -12.26
C ARG B 269 -21.74 4.60 -13.60
N THR B 270 -22.19 5.39 -14.56
CA THR B 270 -22.65 4.81 -15.83
C THR B 270 -21.61 4.60 -16.92
N SER B 271 -21.75 3.51 -17.66
CA SER B 271 -20.90 3.26 -18.82
C SER B 271 -21.70 3.56 -20.11
N ASP B 272 -22.99 3.86 -19.94
CA ASP B 272 -23.89 4.15 -21.07
C ASP B 272 -23.45 5.41 -21.82
N LYS B 273 -23.00 5.22 -23.05
CA LYS B 273 -22.54 6.34 -23.86
C LYS B 273 -23.52 7.51 -23.99
N ASP B 274 -24.80 7.20 -24.19
CA ASP B 274 -25.81 8.23 -24.36
C ASP B 274 -25.96 9.13 -23.14
N ILE B 275 -25.93 8.52 -21.96
CA ILE B 275 -26.06 9.26 -20.71
C ILE B 275 -24.78 10.08 -20.53
N LYS B 276 -23.64 9.49 -20.83
CA LYS B 276 -22.37 10.21 -20.72
C LYS B 276 -22.44 11.47 -21.59
N LEU B 277 -22.96 11.31 -22.81
CA LEU B 277 -23.08 12.41 -23.75
C LEU B 277 -24.01 13.50 -23.21
N LYS B 278 -25.07 13.10 -22.54
CA LYS B 278 -26.02 14.05 -21.93
C LYS B 278 -25.34 14.98 -20.93
N LEU B 279 -24.43 14.42 -20.13
CA LEU B 279 -23.72 15.24 -19.14
C LEU B 279 -22.75 16.17 -19.87
N ILE B 280 -22.07 15.68 -20.88
CA ILE B 280 -21.16 16.58 -21.57
C ILE B 280 -21.94 17.75 -22.23
N GLN B 281 -23.16 17.50 -22.70
CA GLN B 281 -23.90 18.61 -23.30
C GLN B 281 -24.40 19.57 -22.25
N ILE B 282 -24.50 19.11 -21.00
CA ILE B 282 -24.88 20.06 -19.97
C ILE B 282 -23.68 20.99 -19.79
N LEU B 283 -22.49 20.38 -19.80
CA LEU B 283 -21.25 21.13 -19.63
C LEU B 283 -20.97 22.02 -20.85
N GLU B 284 -21.47 21.62 -21.99
CA GLU B 284 -21.21 22.37 -23.19
C GLU B 284 -22.17 23.53 -23.37
N PHE B 285 -23.47 23.26 -23.19
CA PHE B 285 -24.56 24.24 -23.40
C PHE B 285 -25.09 25.02 -22.22
N ASP B 286 -25.04 24.49 -21.02
CA ASP B 286 -25.57 25.24 -19.88
C ASP B 286 -24.55 25.99 -19.07
N THR B 287 -23.50 25.29 -18.67
CA THR B 287 -22.47 25.90 -17.85
C THR B 287 -21.27 26.27 -18.69
N ASN B 288 -21.17 25.74 -19.92
CA ASN B 288 -20.02 26.12 -20.75
C ASN B 288 -18.73 25.82 -19.98
N SER B 289 -18.75 24.73 -19.22
CA SER B 289 -17.62 24.30 -18.39
C SER B 289 -16.39 23.83 -19.18
N LEU B 290 -16.57 23.20 -20.35
CA LEU B 290 -15.40 22.75 -21.11
C LEU B 290 -14.61 23.97 -21.64
N ALA B 291 -15.33 24.97 -22.13
CA ALA B 291 -14.67 26.16 -22.62
C ALA B 291 -14.02 26.87 -21.44
N TYR B 292 -14.71 26.98 -20.30
CA TYR B 292 -14.09 27.64 -19.15
C TYR B 292 -12.75 26.94 -18.74
N THR B 293 -12.66 25.63 -18.94
CA THR B 293 -11.47 24.87 -18.56
C THR B 293 -10.34 25.11 -19.56
N LYS B 294 -10.71 25.18 -20.83
CA LYS B 294 -9.73 25.40 -21.89
C LYS B 294 -9.03 26.71 -21.61
N ASN B 295 -9.86 27.69 -21.28
CA ASN B 295 -9.34 28.99 -21.01
C ASN B 295 -8.47 29.00 -19.76
N PHE B 296 -8.93 28.34 -18.71
CA PHE B 296 -8.16 28.26 -17.47
C PHE B 296 -6.75 27.66 -17.72
N ILE B 297 -6.70 26.54 -18.42
CA ILE B 297 -5.41 25.91 -18.75
C ILE B 297 -4.52 26.89 -19.59
N ASN B 298 -5.09 27.53 -20.60
CA ASN B 298 -4.33 28.49 -21.42
C ASN B 298 -3.75 29.60 -20.53
N GLN B 299 -4.52 30.08 -19.57
CA GLN B 299 -3.99 31.12 -18.67
C GLN B 299 -2.84 30.61 -17.82
N LEU B 300 -2.95 29.37 -17.34
CA LEU B 300 -1.89 28.81 -16.51
C LEU B 300 -0.63 28.73 -17.36
N VAL B 301 -0.77 28.27 -18.60
CA VAL B 301 0.36 28.15 -19.50
C VAL B 301 0.94 29.53 -19.84
N ASN B 302 0.08 30.50 -20.10
CA ASN B 302 0.55 31.85 -20.43
C ASN B 302 1.43 32.35 -19.31
N MET B 303 1.13 31.94 -18.07
CA MET B 303 1.96 32.37 -16.96
C MET B 303 3.40 31.93 -17.21
N ILE B 304 3.56 30.81 -17.91
CA ILE B 304 4.90 30.33 -18.14
C ILE B 304 5.58 30.94 -19.34
N LYS B 305 4.89 31.06 -20.48
CA LYS B 305 5.62 31.66 -21.60
C LYS B 305 5.83 33.16 -21.47
N ASN B 306 4.83 33.89 -20.97
CA ASN B 306 5.01 35.32 -20.80
C ASN B 306 5.90 35.55 -19.59
N GLU B 309 10.68 37.59 -17.65
CA GLU B 309 11.77 37.91 -16.69
C GLU B 309 12.26 36.68 -15.88
N ASN B 310 11.85 35.49 -16.29
CA ASN B 310 12.24 34.25 -15.63
C ASN B 310 11.98 34.15 -14.12
N LYS B 311 10.75 34.43 -13.71
CA LYS B 311 10.40 34.32 -12.30
C LYS B 311 10.11 32.86 -11.98
N TYR B 312 9.45 32.18 -12.91
CA TYR B 312 9.12 30.78 -12.70
C TYR B 312 10.17 29.92 -13.41
N LEU B 313 10.46 30.29 -14.66
CA LEU B 313 11.43 29.58 -15.45
C LEU B 313 12.82 29.67 -14.85
N PRO B 314 13.75 28.85 -15.36
CA PRO B 314 15.10 28.94 -14.80
C PRO B 314 15.75 30.18 -15.40
MG MG C . -5.93 -12.20 6.53
C2 GG3 D . -0.94 -12.05 9.13
C6 GG3 D . 0.31 -10.49 10.47
C7 GG3 D . -2.45 -11.81 9.09
C8 GG3 D . -3.10 -13.19 9.17
O16 GG3 D . -5.75 -12.53 8.47
P14 GG3 D . -4.88 -13.05 9.72
O17 GG3 D . -5.30 -14.57 10.03
O15 GG3 D . -5.04 -12.18 10.92
P9 GG3 D . -2.99 -14.09 7.54
O11 GG3 D . -3.82 -13.25 6.45
O10 GG3 D . -3.78 -15.47 7.76
O12 GG3 D . -1.58 -14.35 7.13
O13 GG3 D . -2.41 -13.94 10.17
N13 GG3 D . -0.21 -10.78 9.13
C21 GG3 D . 0.91 -10.88 8.18
C22 GG3 D . -0.79 -10.61 11.52
C26 GG3 D . -0.35 -10.00 12.85
C27 GG3 D . 0.94 -10.64 13.37
C28 GG3 D . 1.41 -9.92 14.64
C33 GG3 D . 2.59 -9.18 14.62
C32 GG3 D . 2.98 -8.47 15.75
C31 GG3 D . 2.20 -8.48 16.89
C30 GG3 D . 1.02 -9.23 16.91
C29 GG3 D . 0.62 -9.94 15.79
C2 GG3 E . -3.23 11.68 -11.53
C6 GG3 E . -0.97 10.93 -11.81
C7 GG3 E . -3.88 11.15 -12.82
C8 GG3 E . -4.69 9.89 -12.52
O16 GG3 E . -6.68 11.72 -12.01
P14 GG3 E . -6.13 10.33 -11.42
O17 GG3 E . -7.21 9.17 -11.69
O15 GG3 E . -5.79 10.42 -9.99
P9 GG3 E . -5.36 9.16 -14.10
O11 GG3 E . -6.35 10.27 -14.71
O10 GG3 E . -6.28 7.91 -13.65
O12 GG3 E . -4.29 8.78 -15.04
O13 GG3 E . -3.85 8.94 -11.89
N13 GG3 E . -2.22 10.70 -11.08
C21 GG3 E . -2.00 10.85 -9.64
C22 GG3 E . -0.36 12.26 -11.37
C26 GG3 E . 0.84 12.65 -12.23
C27 GG3 E . 1.80 11.47 -12.38
C28 GG3 E . 3.18 11.90 -12.85
C33 GG3 E . 3.64 11.51 -14.11
C32 GG3 E . 4.97 11.74 -14.45
C31 GG3 E . 5.84 12.35 -13.55
C30 GG3 E . 5.36 12.75 -12.30
C29 GG3 E . 4.04 12.53 -11.96
#